data_4BKU
#
_entry.id   4BKU
#
_cell.length_a   74.320
_cell.length_b   75.950
_cell.length_c   89.420
_cell.angle_alpha   90.00
_cell.angle_beta   90.00
_cell.angle_gamma   90.00
#
_symmetry.space_group_name_H-M   'I 2 2 2'
#
loop_
_entity.id
_entity.type
_entity.pdbx_description
1 polymer 'ENOYL-[ACYL-CARRIER-PROTEIN] REDUCTASE [NADH]'
2 non-polymer '1,4-DIHYDRONICOTINAMIDE ADENINE DINUCLEOTIDE'
3 non-polymer 5-(4-amino-2-methylphenoxy)-2-hexyl-4-hydroxy-1-methylpyridinium
4 water water
#
_entity_poly.entity_id   1
_entity_poly.type   'polypeptide(L)'
_entity_poly.pdbx_seq_one_letter_code
;MGFLDGKRILLTGLLSNRSIAYGIAKACKREGAELAFTYVGDRFKDRITEFAAEFGSELVFPCDVADDAQIDALFASLKT
HWDSLDGLVHSIGFAPREAIAGDFLDGLTRENFRIAHDISAYSFPALAKAALPMLSDDASLLTLSYLGAERAIPNYNTMG
LAKAALEASVRYLAVSLGAKGVRVNAISAGPIKTLAASGIKSFGKILDFVESNSPLKRNVTIEQVGNAGAFLLSDLASGV
TAEVMHVDSGFNAVVGGMAGLEEKLAAALEHHHHHH
;
_entity_poly.pdbx_strand_id   A
#
# COMPACT_ATOMS: atom_id res chain seq x y z
N GLY A 2 12.67 -9.27 -17.29
CA GLY A 2 12.79 -8.49 -16.08
C GLY A 2 12.63 -9.40 -14.88
N PHE A 3 12.83 -8.85 -13.67
CA PHE A 3 12.85 -9.73 -12.50
C PHE A 3 11.49 -10.13 -11.95
N LEU A 4 10.42 -9.74 -12.65
CA LEU A 4 9.07 -10.14 -12.28
C LEU A 4 8.39 -10.85 -13.45
N ASP A 5 9.20 -11.34 -14.40
CA ASP A 5 8.66 -12.03 -15.58
C ASP A 5 7.57 -13.03 -15.20
N GLY A 6 6.39 -12.87 -15.80
CA GLY A 6 5.32 -13.83 -15.62
C GLY A 6 4.55 -13.74 -14.33
N LYS A 7 4.98 -12.87 -13.41
CA LYS A 7 4.30 -12.74 -12.14
C LYS A 7 2.97 -12.00 -12.32
N ARG A 8 1.91 -12.54 -11.75
CA ARG A 8 0.58 -11.94 -11.82
C ARG A 8 0.27 -11.23 -10.52
N ILE A 9 0.11 -9.93 -10.61
CA ILE A 9 0.06 -9.07 -9.44
C ILE A 9 -1.18 -8.19 -9.46
N LEU A 10 -1.94 -8.21 -8.37
CA LEU A 10 -3.13 -7.36 -8.23
C LEU A 10 -2.76 -6.12 -7.43
N LEU A 11 -3.05 -4.93 -7.98
CA LEU A 11 -2.79 -3.69 -7.25
C LEU A 11 -4.08 -2.97 -6.89
N THR A 12 -4.21 -2.65 -5.61
CA THR A 12 -5.30 -1.83 -5.12
C THR A 12 -4.79 -0.39 -5.00
N GLY A 13 -5.72 0.56 -4.91
CA GLY A 13 -5.37 1.92 -4.55
C GLY A 13 -4.69 2.79 -5.59
N LEU A 14 -4.74 2.40 -6.87
CA LEU A 14 -4.21 3.27 -7.91
C LEU A 14 -5.29 4.28 -8.26
N LEU A 15 -5.20 5.47 -7.66
CA LEU A 15 -6.22 6.51 -7.83
C LEU A 15 -5.80 7.54 -8.88
N SER A 16 -4.54 7.95 -8.85
CA SER A 16 -4.02 8.95 -9.80
C SER A 16 -2.58 8.62 -10.14
N ASN A 17 -1.96 9.44 -11.00
CA ASN A 17 -0.55 9.22 -11.31
C ASN A 17 0.41 9.70 -10.22
N ARG A 18 -0.14 10.15 -9.08
CA ARG A 18 0.68 10.48 -7.92
C ARG A 18 0.51 9.40 -6.86
N SER A 19 -0.34 8.41 -7.12
CA SER A 19 -0.54 7.30 -6.19
C SER A 19 0.74 6.49 -6.08
N ILE A 20 1.08 6.07 -4.86
CA ILE A 20 2.21 5.17 -4.68
C ILE A 20 2.01 3.91 -5.53
N ALA A 21 0.76 3.43 -5.60
CA ALA A 21 0.43 2.26 -6.43
C ALA A 21 0.76 2.50 -7.91
N TYR A 22 0.72 3.74 -8.37
CA TYR A 22 1.10 4.03 -9.76
C TYR A 22 2.59 3.79 -9.96
N GLY A 23 3.42 4.25 -9.02
CA GLY A 23 4.85 4.01 -9.08
C GLY A 23 5.19 2.54 -9.01
N ILE A 24 4.47 1.80 -8.18
CA ILE A 24 4.66 0.36 -8.07
C ILE A 24 4.26 -0.34 -9.38
N ALA A 25 3.10 0.02 -9.93
CA ALA A 25 2.62 -0.57 -11.19
C ALA A 25 3.61 -0.35 -12.33
N LYS A 26 4.15 0.86 -12.40
CA LYS A 26 5.08 1.21 -13.46
C LYS A 26 6.34 0.34 -13.38
N ALA A 27 6.85 0.13 -12.16
CA ALA A 27 8.06 -0.67 -11.98
C ALA A 27 7.79 -2.15 -12.21
N CYS A 28 6.64 -2.62 -11.74
CA CYS A 28 6.26 -4.02 -11.95
C CYS A 28 6.11 -4.35 -13.43
N LYS A 29 5.47 -3.45 -14.19
CA LYS A 29 5.29 -3.67 -15.62
CA LYS A 29 5.29 -3.67 -15.62
C LYS A 29 6.63 -3.68 -16.34
N ARG A 30 7.51 -2.76 -15.94
CA ARG A 30 8.84 -2.69 -16.52
C ARG A 30 9.57 -4.03 -16.34
N GLU A 31 9.38 -4.66 -15.18
CA GLU A 31 10.11 -5.89 -14.87
C GLU A 31 9.36 -7.16 -15.29
N GLY A 32 8.29 -7.00 -16.07
CA GLY A 32 7.69 -8.15 -16.75
C GLY A 32 6.43 -8.72 -16.14
N ALA A 33 5.89 -8.05 -15.13
CA ALA A 33 4.69 -8.54 -14.45
C ALA A 33 3.44 -8.36 -15.31
N GLU A 34 2.42 -9.18 -15.03
CA GLU A 34 1.10 -9.03 -15.62
C GLU A 34 0.26 -8.43 -14.49
N LEU A 35 -0.49 -7.37 -14.77
CA LEU A 35 -1.16 -6.64 -13.69
C LEU A 35 -2.68 -6.69 -13.76
N ALA A 36 -3.31 -6.52 -12.60
CA ALA A 36 -4.76 -6.34 -12.50
C ALA A 36 -4.96 -5.25 -11.46
N PHE A 37 -6.12 -4.59 -11.50
CA PHE A 37 -6.34 -3.39 -10.69
C PHE A 37 -7.71 -3.37 -10.05
N THR A 38 -7.80 -2.78 -8.86
CA THR A 38 -9.09 -2.50 -8.23
C THR A 38 -9.37 -0.99 -8.17
N TYR A 39 -10.64 -0.65 -7.93
CA TYR A 39 -11.05 0.75 -7.74
C TYR A 39 -12.27 0.76 -6.84
N VAL A 40 -12.61 1.94 -6.28
CA VAL A 40 -13.84 2.10 -5.52
C VAL A 40 -14.53 3.36 -6.01
N GLY A 41 -15.83 3.26 -6.27
CA GLY A 41 -16.58 4.38 -6.77
C GLY A 41 -16.75 4.31 -8.27
N ASP A 42 -17.99 4.19 -8.73
CA ASP A 42 -18.24 4.01 -10.16
C ASP A 42 -17.70 5.15 -11.01
N ARG A 43 -17.59 6.36 -10.46
CA ARG A 43 -17.11 7.50 -11.22
CA ARG A 43 -17.11 7.50 -11.23
C ARG A 43 -15.63 7.38 -11.57
N PHE A 44 -14.96 6.39 -10.98
CA PHE A 44 -13.53 6.16 -11.24
C PHE A 44 -13.27 5.00 -12.19
N LYS A 45 -14.34 4.38 -12.67
CA LYS A 45 -14.19 3.19 -13.53
C LYS A 45 -13.43 3.51 -14.81
N ASP A 46 -13.76 4.63 -15.44
CA ASP A 46 -13.10 5.02 -16.69
C ASP A 46 -11.62 5.32 -16.46
N ARG A 47 -11.33 6.04 -15.37
CA ARG A 47 -9.95 6.41 -15.06
C ARG A 47 -9.06 5.20 -14.78
N ILE A 48 -9.52 4.29 -13.92
CA ILE A 48 -8.72 3.10 -13.62
C ILE A 48 -8.59 2.20 -14.85
N THR A 49 -9.60 2.20 -15.71
CA THR A 49 -9.54 1.36 -16.91
C THR A 49 -8.47 1.88 -17.86
N GLU A 50 -8.33 3.20 -17.91
CA GLU A 50 -7.30 3.86 -18.71
C GLU A 50 -5.91 3.55 -18.16
N PHE A 51 -5.76 3.65 -16.84
CA PHE A 51 -4.50 3.27 -16.20
C PHE A 51 -4.15 1.81 -16.47
N ALA A 52 -5.14 0.92 -16.38
CA ALA A 52 -4.88 -0.49 -16.59
C ALA A 52 -4.38 -0.72 -18.01
N ALA A 53 -4.99 -0.04 -18.97
CA ALA A 53 -4.62 -0.17 -20.37
C ALA A 53 -3.19 0.33 -20.59
N GLU A 54 -2.83 1.43 -19.95
CA GLU A 54 -1.46 1.94 -19.96
C GLU A 54 -0.46 0.84 -19.53
N PHE A 55 -0.89 -0.02 -18.61
CA PHE A 55 -0.06 -1.13 -18.14
C PHE A 55 -0.44 -2.49 -18.77
N GLY A 56 -1.05 -2.42 -19.95
CA GLY A 56 -1.28 -3.60 -20.78
C GLY A 56 -2.35 -4.55 -20.29
N SER A 57 -3.30 -4.04 -19.51
CA SER A 57 -4.30 -4.89 -18.88
C SER A 57 -5.72 -4.35 -18.99
N GLU A 58 -6.69 -5.25 -19.09
CA GLU A 58 -8.10 -4.87 -18.97
C GLU A 58 -8.72 -5.45 -17.71
N LEU A 59 -7.88 -5.99 -16.83
CA LEU A 59 -8.37 -6.63 -15.61
C LEU A 59 -8.61 -5.58 -14.54
N VAL A 60 -9.84 -5.08 -14.48
CA VAL A 60 -10.19 -4.08 -13.46
CA VAL A 60 -10.24 -4.03 -13.54
C VAL A 60 -11.46 -4.49 -12.73
N PHE A 61 -11.43 -4.37 -11.41
CA PHE A 61 -12.54 -4.84 -10.58
C PHE A 61 -12.86 -3.84 -9.48
N PRO A 62 -14.15 -3.64 -9.20
CA PRO A 62 -14.53 -2.77 -8.08
C PRO A 62 -14.34 -3.49 -6.74
N CYS A 63 -13.93 -2.75 -5.71
CA CYS A 63 -13.83 -3.33 -4.37
C CYS A 63 -13.74 -2.25 -3.32
N ASP A 64 -14.83 -2.06 -2.57
CA ASP A 64 -14.79 -1.23 -1.38
C ASP A 64 -14.46 -2.19 -0.25
N VAL A 65 -13.30 -2.02 0.39
CA VAL A 65 -12.85 -2.98 1.41
C VAL A 65 -13.60 -2.85 2.73
N ALA A 66 -14.55 -1.92 2.81
CA ALA A 66 -15.47 -1.86 3.95
C ALA A 66 -16.51 -2.98 3.87
N ASP A 67 -16.60 -3.64 2.71
CA ASP A 67 -17.72 -4.55 2.40
C ASP A 67 -17.23 -5.98 2.17
N ASP A 68 -17.57 -6.89 3.09
CA ASP A 68 -17.18 -8.30 3.00
C ASP A 68 -17.53 -8.93 1.64
N ALA A 69 -18.73 -8.63 1.14
CA ALA A 69 -19.21 -9.25 -0.10
C ALA A 69 -18.38 -8.83 -1.29
N GLN A 70 -17.92 -7.58 -1.29
CA GLN A 70 -17.13 -7.06 -2.41
C GLN A 70 -15.73 -7.63 -2.40
N ILE A 71 -15.20 -7.85 -1.20
CA ILE A 71 -13.91 -8.52 -1.06
C ILE A 71 -13.99 -9.94 -1.65
N ASP A 72 -15.01 -10.70 -1.27
CA ASP A 72 -15.16 -12.06 -1.81
C ASP A 72 -15.36 -12.03 -3.33
N ALA A 73 -16.16 -11.08 -3.80
CA ALA A 73 -16.48 -10.98 -5.22
C ALA A 73 -15.24 -10.62 -6.05
N LEU A 74 -14.37 -9.78 -5.48
CA LEU A 74 -13.12 -9.40 -6.13
C LEU A 74 -12.32 -10.63 -6.56
N PHE A 75 -12.11 -11.54 -5.62
CA PHE A 75 -11.29 -12.70 -5.93
C PHE A 75 -11.99 -13.72 -6.81
N ALA A 76 -13.30 -13.89 -6.63
CA ALA A 76 -14.08 -14.71 -7.56
C ALA A 76 -13.95 -14.18 -8.99
N SER A 77 -14.08 -12.87 -9.16
CA SER A 77 -13.90 -12.25 -10.48
C SER A 77 -12.49 -12.44 -11.04
N LEU A 78 -11.49 -12.15 -10.21
CA LEU A 78 -10.10 -12.29 -10.64
C LEU A 78 -9.81 -13.74 -11.07
N LYS A 79 -10.35 -14.68 -10.31
CA LYS A 79 -10.14 -16.11 -10.55
C LYS A 79 -10.67 -16.57 -11.92
N THR A 80 -11.67 -15.86 -12.45
CA THR A 80 -12.15 -16.22 -13.79
C THR A 80 -11.09 -15.93 -14.85
N HIS A 81 -10.11 -15.10 -14.49
CA HIS A 81 -9.01 -14.78 -15.41
C HIS A 81 -7.70 -15.51 -15.05
N TRP A 82 -7.36 -15.52 -13.76
CA TRP A 82 -6.09 -16.07 -13.32
C TRP A 82 -6.29 -17.29 -12.42
N ASP A 83 -5.65 -18.40 -12.75
CA ASP A 83 -5.65 -19.59 -11.89
C ASP A 83 -5.09 -19.26 -10.51
N SER A 84 -4.02 -18.47 -10.51
CA SER A 84 -3.33 -18.12 -9.28
CA SER A 84 -3.32 -18.12 -9.29
CA SER A 84 -3.40 -18.09 -9.25
C SER A 84 -2.92 -16.64 -9.24
N LEU A 85 -2.67 -16.14 -8.03
CA LEU A 85 -2.22 -14.78 -7.81
C LEU A 85 -0.81 -14.82 -7.22
N ASP A 86 0.12 -14.09 -7.81
CA ASP A 86 1.51 -14.10 -7.35
C ASP A 86 1.86 -12.91 -6.47
N GLY A 87 1.11 -11.83 -6.61
CA GLY A 87 1.39 -10.63 -5.85
C GLY A 87 0.14 -9.86 -5.51
N LEU A 88 0.16 -9.19 -4.36
CA LEU A 88 -0.94 -8.33 -3.96
C LEU A 88 -0.35 -7.04 -3.40
N VAL A 89 -0.76 -5.91 -3.95
CA VAL A 89 -0.33 -4.63 -3.42
C VAL A 89 -1.51 -3.94 -2.74
N HIS A 90 -1.38 -3.76 -1.43
CA HIS A 90 -2.39 -3.09 -0.61
C HIS A 90 -1.92 -1.67 -0.41
N SER A 91 -2.52 -0.76 -1.17
CA SER A 91 -2.15 0.64 -1.11
CA SER A 91 -2.15 0.64 -1.12
C SER A 91 -3.41 1.44 -0.84
N ILE A 92 -4.05 1.12 0.28
CA ILE A 92 -5.34 1.65 0.67
C ILE A 92 -5.21 2.23 2.07
N GLY A 93 -5.56 3.50 2.22
CA GLY A 93 -5.55 4.14 3.53
C GLY A 93 -6.70 5.12 3.61
N PHE A 94 -7.29 5.24 4.80
CA PHE A 94 -8.26 6.30 5.06
C PHE A 94 -8.42 6.55 6.54
N ALA A 95 -8.45 7.83 6.91
CA ALA A 95 -8.91 8.23 8.23
C ALA A 95 -9.75 9.48 8.08
N PRO A 96 -10.83 9.61 8.87
CA PRO A 96 -11.69 10.79 8.78
C PRO A 96 -10.90 12.07 9.01
N ARG A 97 -11.26 13.12 8.27
CA ARG A 97 -10.53 14.39 8.30
C ARG A 97 -10.16 14.87 9.72
N GLU A 98 -11.13 14.95 10.62
CA GLU A 98 -10.84 15.47 11.96
C GLU A 98 -9.89 14.58 12.76
N ALA A 99 -9.83 13.30 12.41
CA ALA A 99 -8.99 12.35 13.15
C ALA A 99 -7.52 12.45 12.79
N ILE A 100 -7.20 13.23 11.75
CA ILE A 100 -5.81 13.44 11.34
C ILE A 100 -5.49 14.93 11.18
N ALA A 101 -6.11 15.74 12.02
CA ALA A 101 -5.86 17.17 12.01
C ALA A 101 -5.92 17.70 13.43
N GLY A 102 -4.93 18.49 13.81
CA GLY A 102 -4.94 19.12 15.12
C GLY A 102 -4.62 18.13 16.22
N ASP A 103 -5.27 18.31 17.36
CA ASP A 103 -4.96 17.50 18.54
C ASP A 103 -5.51 16.08 18.41
N PHE A 104 -4.73 15.11 18.86
CA PHE A 104 -5.11 13.69 18.79
C PHE A 104 -6.46 13.41 19.46
N LEU A 105 -6.65 13.91 20.67
CA LEU A 105 -7.89 13.62 21.38
C LEU A 105 -9.09 14.39 20.84
N ASP A 106 -8.85 15.61 20.33
CA ASP A 106 -9.93 16.39 19.73
C ASP A 106 -10.62 15.64 18.59
N GLY A 107 -9.86 14.90 17.79
CA GLY A 107 -10.41 14.20 16.65
C GLY A 107 -10.72 12.73 16.91
N LEU A 108 -10.55 12.31 18.16
CA LEU A 108 -10.77 10.92 18.54
C LEU A 108 -12.24 10.68 18.87
N THR A 109 -12.89 9.79 18.11
CA THR A 109 -14.21 9.29 18.51
C THR A 109 -14.18 7.79 18.23
N ARG A 110 -15.13 7.06 18.82
CA ARG A 110 -15.16 5.61 18.61
C ARG A 110 -15.30 5.29 17.13
N GLU A 111 -16.18 6.02 16.45
CA GLU A 111 -16.42 5.76 15.04
C GLU A 111 -15.23 6.13 14.14
N ASN A 112 -14.55 7.24 14.46
CA ASN A 112 -13.35 7.62 13.71
C ASN A 112 -12.24 6.59 13.88
N PHE A 113 -12.07 6.13 15.12
CA PHE A 113 -11.12 5.07 15.42
C PHE A 113 -11.48 3.83 14.62
N ARG A 114 -12.76 3.45 14.66
CA ARG A 114 -13.22 2.22 14.01
C ARG A 114 -12.93 2.26 12.51
N ILE A 115 -13.33 3.34 11.87
CA ILE A 115 -13.18 3.44 10.41
C ILE A 115 -11.71 3.45 9.98
N ALA A 116 -10.89 4.23 10.68
CA ALA A 116 -9.47 4.27 10.35
C ALA A 116 -8.82 2.89 10.46
N HIS A 117 -9.13 2.14 11.50
CA HIS A 117 -8.55 0.80 11.66
C HIS A 117 -9.17 -0.23 10.69
N ASP A 118 -10.47 -0.10 10.44
CA ASP A 118 -11.18 -0.98 9.52
C ASP A 118 -10.56 -0.87 8.12
N ILE A 119 -10.46 0.35 7.61
CA ILE A 119 -10.01 0.55 6.23
C ILE A 119 -8.48 0.44 6.08
N SER A 120 -7.74 1.00 7.03
CA SER A 120 -6.28 1.11 6.85
C SER A 120 -5.52 -0.10 7.35
N ALA A 121 -6.10 -0.83 8.29
CA ALA A 121 -5.42 -1.97 8.90
C ALA A 121 -6.07 -3.30 8.59
N TYR A 122 -7.32 -3.47 9.05
CA TYR A 122 -8.02 -4.76 8.88
C TYR A 122 -8.03 -5.21 7.42
N SER A 123 -8.23 -4.26 6.51
CA SER A 123 -8.41 -4.61 5.11
C SER A 123 -7.23 -5.38 4.50
N PHE A 124 -6.02 -5.21 5.03
CA PHE A 124 -4.86 -5.93 4.50
C PHE A 124 -4.95 -7.45 4.77
N PRO A 125 -5.00 -7.87 6.05
CA PRO A 125 -5.17 -9.33 6.21
C PRO A 125 -6.52 -9.85 5.71
N ALA A 126 -7.53 -8.99 5.60
CA ALA A 126 -8.80 -9.44 5.07
C ALA A 126 -8.66 -9.82 3.60
N LEU A 127 -7.96 -8.98 2.83
CA LEU A 127 -7.68 -9.30 1.42
C LEU A 127 -6.84 -10.55 1.31
N ALA A 128 -5.83 -10.68 2.17
CA ALA A 128 -4.94 -11.84 2.17
C ALA A 128 -5.72 -13.13 2.40
N LYS A 129 -6.63 -13.09 3.36
CA LYS A 129 -7.44 -14.28 3.68
C LYS A 129 -8.39 -14.66 2.54
N ALA A 130 -9.02 -13.65 1.93
CA ALA A 130 -9.93 -13.94 0.82
C ALA A 130 -9.15 -14.43 -0.39
N ALA A 131 -7.90 -14.00 -0.53
CA ALA A 131 -7.07 -14.38 -1.68
C ALA A 131 -6.46 -15.77 -1.50
N LEU A 132 -6.29 -16.18 -0.26
CA LEU A 132 -5.47 -17.35 0.07
C LEU A 132 -5.66 -18.61 -0.81
N PRO A 133 -6.92 -19.03 -1.05
CA PRO A 133 -7.10 -20.23 -1.90
C PRO A 133 -6.39 -20.15 -3.24
N MET A 134 -6.30 -18.96 -3.82
CA MET A 134 -5.67 -18.82 -5.14
C MET A 134 -4.25 -18.24 -5.11
N LEU A 135 -3.69 -17.98 -3.92
CA LEU A 135 -2.31 -17.49 -3.85
C LEU A 135 -1.32 -18.57 -4.27
N SER A 136 -0.36 -18.22 -5.13
CA SER A 136 0.72 -19.15 -5.45
CA SER A 136 0.74 -19.13 -5.45
C SER A 136 1.53 -19.43 -4.19
N ASP A 137 2.23 -20.56 -4.17
CA ASP A 137 2.98 -20.94 -2.99
C ASP A 137 4.09 -19.93 -2.68
N ASP A 138 4.59 -19.26 -3.72
CA ASP A 138 5.65 -18.26 -3.52
C ASP A 138 5.15 -16.83 -3.72
N ALA A 139 3.87 -16.60 -3.45
CA ALA A 139 3.28 -15.27 -3.61
C ALA A 139 3.89 -14.25 -2.64
N SER A 140 3.73 -12.97 -2.96
CA SER A 140 4.30 -11.92 -2.12
C SER A 140 3.26 -10.82 -1.94
N LEU A 141 2.97 -10.47 -0.67
CA LEU A 141 1.95 -9.48 -0.36
C LEU A 141 2.64 -8.25 0.22
N LEU A 142 2.22 -7.06 -0.21
CA LEU A 142 2.91 -5.82 0.14
C LEU A 142 1.91 -4.76 0.59
N THR A 143 2.20 -4.09 1.70
CA THR A 143 1.38 -2.95 2.12
C THR A 143 2.26 -1.73 2.32
N LEU A 144 1.65 -0.58 2.59
CA LEU A 144 2.36 0.68 2.74
C LEU A 144 2.06 1.27 4.11
N SER A 145 3.09 1.68 4.83
CA SER A 145 2.93 2.34 6.12
CA SER A 145 2.83 2.40 6.07
C SER A 145 3.69 3.66 6.16
N TYR A 146 3.77 4.25 7.34
CA TYR A 146 4.44 5.54 7.49
C TYR A 146 5.06 5.62 8.87
N LEU A 147 6.10 6.44 9.00
CA LEU A 147 6.87 6.57 10.25
C LEU A 147 5.99 6.93 11.45
N GLY A 148 4.82 7.50 11.19
CA GLY A 148 3.88 7.82 12.24
C GLY A 148 3.38 6.61 13.02
N ALA A 149 3.58 5.41 12.49
CA ALA A 149 3.26 4.20 13.24
C ALA A 149 4.27 3.97 14.37
N GLU A 150 5.49 4.45 14.16
CA GLU A 150 6.61 4.17 15.07
C GLU A 150 6.83 5.26 16.11
N ARG A 151 6.67 6.51 15.68
CA ARG A 151 6.86 7.65 16.56
C ARG A 151 5.74 8.65 16.30
N ALA A 152 5.40 9.42 17.33
CA ALA A 152 4.32 10.40 17.20
C ALA A 152 4.71 11.56 16.27
N ILE A 153 3.94 11.72 15.20
CA ILE A 153 4.14 12.80 14.23
C ILE A 153 2.89 13.71 14.26
N PRO A 154 3.10 15.03 14.29
CA PRO A 154 1.95 15.95 14.41
C PRO A 154 0.88 15.70 13.36
N ASN A 155 -0.37 15.69 13.81
CA ASN A 155 -1.54 15.45 12.97
C ASN A 155 -1.81 13.99 12.56
N TYR A 156 -0.81 13.11 12.57
CA TYR A 156 -1.02 11.77 12.02
C TYR A 156 -1.99 11.01 12.91
N ASN A 157 -1.89 11.27 14.22
CA ASN A 157 -2.93 10.91 15.19
C ASN A 157 -3.52 9.50 15.05
N THR A 158 -4.82 9.43 14.81
CA THR A 158 -5.49 8.13 14.73
C THR A 158 -4.93 7.24 13.60
N MET A 159 -4.44 7.84 12.53
CA MET A 159 -3.81 7.04 11.48
C MET A 159 -2.52 6.34 11.98
N GLY A 160 -1.81 6.97 12.90
CA GLY A 160 -0.63 6.35 13.49
C GLY A 160 -0.95 5.06 14.23
N LEU A 161 -2.08 5.05 14.95
CA LEU A 161 -2.54 3.85 15.63
C LEU A 161 -2.89 2.76 14.61
N ALA A 162 -3.61 3.14 13.56
CA ALA A 162 -4.02 2.18 12.53
C ALA A 162 -2.81 1.57 11.81
N LYS A 163 -1.83 2.41 11.49
CA LYS A 163 -0.61 1.93 10.86
C LYS A 163 0.22 1.04 11.78
N ALA A 164 0.20 1.29 13.08
CA ALA A 164 0.89 0.39 14.00
C ALA A 164 0.23 -1.00 13.96
N ALA A 165 -1.10 -1.03 13.98
CA ALA A 165 -1.82 -2.30 13.83
C ALA A 165 -1.53 -2.96 12.47
N LEU A 166 -1.42 -2.14 11.42
CA LEU A 166 -1.08 -2.67 10.10
C LEU A 166 0.29 -3.32 10.08
N GLU A 167 1.31 -2.67 10.66
CA GLU A 167 2.65 -3.25 10.72
C GLU A 167 2.65 -4.55 11.54
N ALA A 168 1.86 -4.59 12.61
CA ALA A 168 1.74 -5.83 13.36
C ALA A 168 1.11 -6.93 12.50
N SER A 169 0.12 -6.54 11.69
CA SER A 169 -0.54 -7.52 10.81
C SER A 169 0.44 -8.10 9.78
N VAL A 170 1.43 -7.31 9.37
CA VAL A 170 2.48 -7.81 8.46
C VAL A 170 3.20 -9.01 9.10
N ARG A 171 3.50 -8.89 10.39
CA ARG A 171 4.20 -9.93 11.12
C ARG A 171 3.35 -11.17 11.35
N TYR A 172 2.09 -10.98 11.75
CA TYR A 172 1.21 -12.12 11.99
C TYR A 172 0.82 -12.80 10.69
N LEU A 173 0.65 -12.02 9.62
CA LEU A 173 0.39 -12.60 8.30
C LEU A 173 1.59 -13.42 7.84
N ALA A 174 2.79 -12.89 8.04
CA ALA A 174 4.01 -13.59 7.63
C ALA A 174 4.10 -14.97 8.29
N VAL A 175 3.72 -15.07 9.56
CA VAL A 175 3.72 -16.37 10.22
C VAL A 175 2.64 -17.28 9.65
N SER A 176 1.43 -16.73 9.51
CA SER A 176 0.28 -17.51 9.02
C SER A 176 0.51 -18.07 7.61
N LEU A 177 1.07 -17.27 6.72
CA LEU A 177 1.17 -17.64 5.31
C LEU A 177 2.55 -18.20 4.94
N GLY A 178 3.49 -18.13 5.87
CA GLY A 178 4.87 -18.43 5.55
C GLY A 178 5.19 -19.90 5.33
N ALA A 179 4.51 -20.80 6.03
CA ALA A 179 4.79 -22.21 5.86
C ALA A 179 4.44 -22.66 4.43
N LYS A 180 3.41 -22.04 3.88
CA LYS A 180 3.04 -22.24 2.48
C LYS A 180 4.14 -21.74 1.56
N GLY A 181 4.80 -20.66 1.98
CA GLY A 181 5.90 -20.08 1.23
C GLY A 181 5.65 -18.61 0.87
N VAL A 182 4.51 -18.08 1.31
CA VAL A 182 4.09 -16.72 0.93
C VAL A 182 4.81 -15.71 1.80
N ARG A 183 5.29 -14.63 1.20
CA ARG A 183 5.96 -13.57 1.95
C ARG A 183 5.06 -12.35 2.11
N VAL A 184 5.25 -11.62 3.21
CA VAL A 184 4.41 -10.48 3.56
C VAL A 184 5.30 -9.38 4.12
N ASN A 185 5.26 -8.21 3.50
CA ASN A 185 6.13 -7.11 3.89
C ASN A 185 5.41 -5.77 3.79
N ALA A 186 5.97 -4.74 4.41
CA ALA A 186 5.50 -3.38 4.20
C ALA A 186 6.65 -2.48 3.77
N ILE A 187 6.31 -1.43 3.02
CA ILE A 187 7.24 -0.33 2.86
C ILE A 187 6.76 0.83 3.71
N SER A 188 7.64 1.32 4.60
CA SER A 188 7.35 2.56 5.32
C SER A 188 7.86 3.68 4.44
N ALA A 189 6.95 4.28 3.68
CA ALA A 189 7.32 5.30 2.69
C ALA A 189 7.43 6.67 3.33
N GLY A 190 8.36 7.48 2.83
CA GLY A 190 8.44 8.87 3.22
C GLY A 190 7.31 9.61 2.52
N PRO A 191 7.10 10.88 2.90
CA PRO A 191 6.01 11.64 2.28
C PRO A 191 6.24 11.90 0.79
N ILE A 192 5.16 11.85 0.01
CA ILE A 192 5.24 12.05 -1.44
C ILE A 192 4.68 13.43 -1.79
N LYS A 193 5.49 14.27 -2.45
CA LYS A 193 5.08 15.64 -2.69
C LYS A 193 3.92 15.79 -3.69
N THR A 194 2.81 16.33 -3.20
CA THR A 194 1.65 16.66 -4.02
C THR A 194 0.76 17.57 -3.21
N LEU A 195 -0.22 18.20 -3.83
CA LEU A 195 -1.19 18.99 -3.07
C LEU A 195 -2.03 18.06 -2.19
N ALA A 196 -2.05 18.32 -0.88
CA ALA A 196 -2.82 17.49 0.05
C ALA A 196 -4.31 17.53 -0.28
N ALA A 197 -4.89 16.37 -0.55
CA ALA A 197 -6.30 16.28 -0.94
C ALA A 197 -7.22 16.70 0.20
N SER A 198 -8.47 17.07 -0.14
CA SER A 198 -9.49 17.36 0.87
C SER A 198 -9.52 16.19 1.84
N GLY A 199 -9.53 16.48 3.14
CA GLY A 199 -9.52 15.43 4.14
C GLY A 199 -8.15 15.18 4.72
N ILE A 200 -7.12 15.70 4.06
CA ILE A 200 -5.76 15.56 4.55
C ILE A 200 -5.16 16.96 4.78
N LYS A 201 -4.55 17.16 5.93
CA LYS A 201 -3.93 18.46 6.23
C LYS A 201 -2.69 18.65 5.35
N SER A 202 -2.36 19.90 5.05
CA SER A 202 -1.12 20.23 4.35
C SER A 202 0.06 19.56 5.06
N PHE A 203 0.93 18.92 4.31
CA PHE A 203 2.15 18.38 4.91
C PHE A 203 3.39 19.03 4.29
N GLY A 204 3.22 20.25 3.79
CA GLY A 204 4.32 20.99 3.21
C GLY A 204 5.49 21.16 4.17
N LYS A 205 5.19 21.48 5.42
CA LYS A 205 6.25 21.67 6.42
C LYS A 205 7.03 20.39 6.66
N ILE A 206 6.33 19.27 6.63
CA ILE A 206 6.97 17.96 6.77
C ILE A 206 7.88 17.67 5.56
N LEU A 207 7.39 17.98 4.37
CA LEU A 207 8.20 17.79 3.16
C LEU A 207 9.48 18.62 3.20
N ASP A 208 9.34 19.89 3.61
CA ASP A 208 10.51 20.77 3.76
C ASP A 208 11.46 20.23 4.82
N PHE A 209 10.91 19.73 5.92
CA PHE A 209 11.74 19.21 7.01
C PHE A 209 12.50 17.95 6.59
N VAL A 210 11.85 17.06 5.85
CA VAL A 210 12.53 15.87 5.34
C VAL A 210 13.61 16.25 4.33
N GLU A 211 13.32 17.20 3.45
CA GLU A 211 14.31 17.65 2.47
C GLU A 211 15.53 18.26 3.15
N SER A 212 15.32 18.94 4.27
CA SER A 212 16.40 19.61 4.98
CA SER A 212 16.40 19.60 4.98
C SER A 212 17.15 18.69 5.94
N ASN A 213 16.48 17.65 6.45
CA ASN A 213 17.08 16.82 7.50
C ASN A 213 17.36 15.34 7.23
N SER A 214 16.75 14.76 6.21
CA SER A 214 17.03 13.37 5.90
C SER A 214 18.48 13.24 5.46
N PRO A 215 19.08 12.04 5.66
CA PRO A 215 20.44 11.80 5.22
C PRO A 215 20.67 12.19 3.76
N LEU A 216 19.73 11.84 2.86
CA LEU A 216 19.92 12.12 1.44
C LEU A 216 19.47 13.53 1.05
N LYS A 217 18.94 14.27 2.01
CA LYS A 217 18.58 15.67 1.81
C LYS A 217 17.61 15.84 0.64
N ARG A 218 16.64 14.94 0.55
CA ARG A 218 15.66 15.00 -0.53
C ARG A 218 14.46 14.15 -0.15
N ASN A 219 13.30 14.49 -0.70
CA ASN A 219 12.13 13.64 -0.49
C ASN A 219 12.17 12.44 -1.42
N VAL A 220 11.52 11.34 -1.02
CA VAL A 220 11.43 10.15 -1.85
CA VAL A 220 11.43 10.16 -1.88
C VAL A 220 10.37 10.38 -2.94
N THR A 221 10.45 9.60 -4.02
CA THR A 221 9.50 9.72 -5.13
C THR A 221 8.71 8.42 -5.24
N ILE A 222 7.63 8.43 -6.03
CA ILE A 222 6.87 7.20 -6.19
C ILE A 222 7.64 6.20 -7.03
N GLU A 223 8.58 6.69 -7.85
CA GLU A 223 9.47 5.82 -8.61
C GLU A 223 10.39 5.04 -7.67
N GLN A 224 10.92 5.71 -6.65
CA GLN A 224 11.78 5.06 -5.68
C GLN A 224 11.01 4.06 -4.82
N VAL A 225 9.81 4.45 -4.40
CA VAL A 225 8.98 3.53 -3.62
C VAL A 225 8.52 2.38 -4.51
N GLY A 226 8.23 2.70 -5.77
CA GLY A 226 7.82 1.70 -6.76
C GLY A 226 8.85 0.61 -7.00
N ASN A 227 10.10 1.01 -7.24
CA ASN A 227 11.19 0.06 -7.40
C ASN A 227 11.45 -0.83 -6.16
N ALA A 228 11.37 -0.25 -4.97
CA ALA A 228 11.50 -1.05 -3.76
C ALA A 228 10.34 -2.04 -3.63
N GLY A 229 9.15 -1.59 -4.01
CA GLY A 229 7.98 -2.46 -4.02
C GLY A 229 8.12 -3.61 -5.00
N ALA A 230 8.51 -3.29 -6.23
CA ALA A 230 8.76 -4.33 -7.22
C ALA A 230 9.79 -5.35 -6.73
N PHE A 231 10.87 -4.86 -6.11
CA PHE A 231 11.86 -5.77 -5.53
C PHE A 231 11.23 -6.73 -4.52
N LEU A 232 10.47 -6.19 -3.56
CA LEU A 232 9.85 -7.01 -2.51
C LEU A 232 8.85 -8.02 -3.07
N LEU A 233 8.18 -7.67 -4.16
CA LEU A 233 7.21 -8.58 -4.79
C LEU A 233 7.89 -9.69 -5.57
N SER A 234 9.19 -9.56 -5.78
CA SER A 234 9.92 -10.47 -6.66
C SER A 234 10.71 -11.55 -5.92
N ASP A 235 11.19 -12.52 -6.68
CA ASP A 235 11.98 -13.63 -6.14
C ASP A 235 13.37 -13.16 -5.72
N LEU A 236 13.76 -11.95 -6.12
CA LEU A 236 14.99 -11.34 -5.61
C LEU A 236 14.91 -11.20 -4.10
N ALA A 237 13.68 -11.03 -3.59
CA ALA A 237 13.44 -10.80 -2.18
C ALA A 237 12.95 -12.07 -1.47
N SER A 238 13.26 -13.25 -2.01
CA SER A 238 12.72 -14.50 -1.45
C SER A 238 13.17 -14.80 -0.02
N GLY A 239 14.25 -14.17 0.44
CA GLY A 239 14.68 -14.30 1.83
C GLY A 239 14.03 -13.30 2.79
N VAL A 240 13.21 -12.41 2.26
CA VAL A 240 12.66 -11.29 3.03
C VAL A 240 11.16 -11.41 3.31
N THR A 241 10.79 -11.50 4.58
CA THR A 241 9.38 -11.48 4.95
C THR A 241 9.25 -10.90 6.35
N ALA A 242 8.03 -10.46 6.69
CA ALA A 242 7.75 -9.82 7.99
C ALA A 242 8.53 -8.52 8.19
N GLU A 243 9.00 -7.94 7.09
CA GLU A 243 9.85 -6.75 7.16
C GLU A 243 9.05 -5.46 6.91
N VAL A 244 9.35 -4.41 7.67
CA VAL A 244 8.88 -3.06 7.35
C VAL A 244 10.10 -2.30 6.85
N MET A 245 10.18 -2.14 5.53
CA MET A 245 11.32 -1.51 4.88
CA MET A 245 11.33 -1.49 4.89
C MET A 245 11.11 -0.01 4.72
N HIS A 246 11.99 0.80 5.29
CA HIS A 246 11.87 2.24 5.11
C HIS A 246 12.38 2.65 3.75
N VAL A 247 11.54 3.33 2.98
CA VAL A 247 12.00 3.94 1.75
C VAL A 247 11.66 5.41 1.92
N ASP A 248 12.61 6.15 2.50
CA ASP A 248 12.30 7.47 3.01
C ASP A 248 13.51 8.41 3.04
N SER A 249 14.50 8.12 2.19
CA SER A 249 15.75 8.88 2.13
C SER A 249 16.51 8.81 3.45
N GLY A 250 16.18 7.82 4.28
CA GLY A 250 16.86 7.62 5.56
C GLY A 250 16.32 8.45 6.71
N PHE A 251 15.22 9.15 6.49
CA PHE A 251 14.72 10.11 7.48
C PHE A 251 14.39 9.47 8.82
N ASN A 252 13.87 8.24 8.80
CA ASN A 252 13.49 7.57 10.06
C ASN A 252 14.67 7.41 11.01
N ALA A 253 15.88 7.37 10.45
CA ALA A 253 17.07 7.00 11.21
C ALA A 253 17.79 8.18 11.86
N VAL A 254 17.25 9.39 11.73
CA VAL A 254 17.90 10.57 12.32
C VAL A 254 17.02 11.29 13.32
N VAL A 255 17.62 12.19 14.10
CA VAL A 255 16.88 13.18 14.87
C VAL A 255 17.22 14.51 14.22
N GLY A 256 16.32 15.02 13.38
CA GLY A 256 16.61 16.20 12.59
C GLY A 256 16.16 17.50 13.21
N GLY A 257 16.64 18.61 12.65
CA GLY A 257 16.13 19.94 12.99
C GLY A 257 16.75 20.62 14.19
N MET A 258 17.78 20.02 14.77
CA MET A 258 18.36 20.58 16.00
C MET A 258 19.61 21.41 15.73
#